data_4LCP
#
_entry.id   4LCP
#
_cell.length_a   38.212
_cell.length_b   74.012
_cell.length_c   110.322
_cell.angle_alpha   90.00
_cell.angle_beta   90.00
_cell.angle_gamma   90.00
#
_symmetry.space_group_name_H-M   'P 21 21 21'
#
loop_
_entity.id
_entity.type
_entity.pdbx_description
1 polymer 'Cytidine and deoxycytidylate deaminase zinc-binding region'
2 non-polymer 'ZINC ION'
3 non-polymer 9H-PURINE-2,6-DIAMINE
4 water water
#
_entity_poly.entity_id   1
_entity_poly.type   'polypeptide(L)'
_entity_poly.pdbx_seq_one_letter_code
;GHMNDALHIGLPPFLVQANNEPRVLAAPEARMGYVLELVRANIAADGGPFAAAVFERDSGLLIAAGTNRVVPGRCSAAHA
EILALSLAQAKLDTHDLSADGLPACELVTSAEPCVMCFGAVIWSGVRSLVCAARSDDVEAIGFDEGPRPENWMGGLEARG
ITVTTGLLRDAACALLREYNACNGVIYNARCGVHKGS
;
_entity_poly.pdbx_strand_id   A,B
#
loop_
_chem_comp.id
_chem_comp.type
_chem_comp.name
_chem_comp.formula
6AP non-polymer 9H-PURINE-2,6-DIAMINE 'C5 H6 N6'
ZN non-polymer 'ZINC ION' 'Zn 2'
#
# COMPACT_ATOMS: atom_id res chain seq x y z
N MET A 3 -13.11 -12.22 0.88
CA MET A 3 -13.59 -11.66 2.17
C MET A 3 -14.15 -10.23 1.97
N ASN A 4 -15.45 -10.04 2.21
CA ASN A 4 -16.05 -8.67 2.20
C ASN A 4 -16.05 -8.00 3.60
N ASP A 5 -15.54 -8.77 4.53
CA ASP A 5 -15.47 -8.52 5.92
C ASP A 5 -14.00 -8.30 6.35
N ALA A 6 -13.05 -8.46 5.42
CA ALA A 6 -11.60 -8.27 5.72
C ALA A 6 -10.86 -7.80 4.45
N LEU A 7 -9.69 -7.15 4.57
CA LEU A 7 -8.78 -7.13 3.44
C LEU A 7 -8.04 -8.48 3.50
N HIS A 8 -8.11 -9.26 2.43
CA HIS A 8 -7.57 -10.60 2.41
C HIS A 8 -6.84 -10.81 1.13
N ILE A 9 -5.51 -10.75 1.15
CA ILE A 9 -4.74 -11.14 -0.05
C ILE A 9 -4.08 -12.52 0.11
N GLY A 10 -4.52 -13.50 -0.68
CA GLY A 10 -4.03 -14.89 -0.54
C GLY A 10 -2.58 -14.98 -1.03
N LEU A 11 -1.84 -15.92 -0.46
CA LEU A 11 -0.44 -16.04 -0.88
C LEU A 11 -0.37 -17.33 -1.65
N PRO A 12 0.30 -17.32 -2.79
CA PRO A 12 0.59 -18.56 -3.53
C PRO A 12 1.45 -19.51 -2.70
N PRO A 13 1.35 -20.83 -2.96
CA PRO A 13 2.08 -21.81 -2.14
C PRO A 13 3.58 -21.52 -1.98
N PHE A 14 4.28 -21.20 -3.07
CA PHE A 14 5.69 -20.99 -2.93
C PHE A 14 5.93 -19.83 -1.92
N LEU A 15 4.98 -18.91 -1.76
CA LEU A 15 5.21 -17.77 -0.83
C LEU A 15 4.91 -18.16 0.60
N VAL A 16 3.89 -19.02 0.79
CA VAL A 16 3.59 -19.71 2.07
C VAL A 16 4.84 -20.49 2.54
N GLN A 17 5.41 -21.29 1.62
CA GLN A 17 6.66 -22.02 1.83
C GLN A 17 7.77 -21.09 2.28
N ALA A 18 8.03 -19.99 1.51
CA ALA A 18 9.07 -18.98 1.84
C ALA A 18 8.84 -18.41 3.24
N ASN A 19 7.58 -18.17 3.59
CA ASN A 19 7.31 -17.61 4.88
C ASN A 19 7.22 -18.64 5.96
N ASN A 20 7.14 -19.94 5.63
CA ASN A 20 7.07 -21.04 6.67
C ASN A 20 8.41 -21.61 7.15
N GLU A 21 9.44 -21.59 6.32
CA GLU A 21 10.63 -22.34 6.66
C GLU A 21 11.68 -21.41 7.25
N PRO A 22 12.26 -21.78 8.42
CA PRO A 22 13.33 -20.87 9.00
C PRO A 22 14.50 -20.71 8.03
N ARG A 23 15.10 -19.52 7.96
CA ARG A 23 16.10 -19.25 6.94
C ARG A 23 16.97 -18.06 7.35
N VAL A 24 18.26 -18.25 7.21
CA VAL A 24 19.24 -17.29 7.71
C VAL A 24 20.20 -17.09 6.56
N LEU A 25 20.34 -15.85 6.12
CA LEU A 25 21.20 -15.46 5.02
C LEU A 25 22.00 -14.23 5.42
N ALA A 26 23.28 -14.45 5.71
CA ALA A 26 24.14 -13.42 6.31
C ALA A 26 24.50 -12.34 5.29
N ALA A 27 25.05 -12.75 4.14
CA ALA A 27 25.60 -11.83 3.13
C ALA A 27 24.54 -11.04 2.38
N PRO A 28 24.81 -9.74 2.07
CA PRO A 28 23.77 -9.04 1.29
C PRO A 28 23.45 -9.83 0.01
N GLU A 29 24.48 -10.37 -0.66
CA GLU A 29 24.24 -11.10 -1.93
C GLU A 29 23.43 -12.36 -1.73
N ALA A 30 23.60 -13.00 -0.56
CA ALA A 30 22.75 -14.14 -0.27
C ALA A 30 21.26 -13.74 -0.09
N ARG A 31 20.99 -12.67 0.66
CA ARG A 31 19.62 -12.20 0.86
C ARG A 31 18.97 -11.86 -0.47
N MET A 32 19.70 -11.10 -1.34
CA MET A 32 19.14 -10.65 -2.64
C MET A 32 18.99 -11.85 -3.58
N GLY A 33 19.88 -12.84 -3.44
CA GLY A 33 19.81 -14.07 -4.35
C GLY A 33 18.48 -14.70 -4.07
N TYR A 34 18.14 -14.80 -2.77
CA TYR A 34 16.92 -15.44 -2.41
C TYR A 34 15.70 -14.62 -2.87
N VAL A 35 15.75 -13.31 -2.67
CA VAL A 35 14.68 -12.45 -3.13
C VAL A 35 14.50 -12.65 -4.63
N LEU A 36 15.59 -12.72 -5.41
CA LEU A 36 15.44 -12.96 -6.88
C LEU A 36 14.90 -14.39 -7.33
N GLU A 37 15.14 -15.42 -6.53
CA GLU A 37 14.40 -16.70 -6.66
C GLU A 37 12.88 -16.50 -6.52
N LEU A 38 12.49 -15.59 -5.65
CA LEU A 38 11.02 -15.38 -5.44
C LEU A 38 10.40 -14.60 -6.61
N VAL A 39 11.17 -13.66 -7.21
CA VAL A 39 10.74 -12.99 -8.43
C VAL A 39 10.40 -14.07 -9.48
N ARG A 40 11.33 -14.99 -9.76
CA ARG A 40 11.10 -16.00 -10.80
C ARG A 40 9.92 -16.89 -10.41
N ALA A 41 9.84 -17.35 -9.16
CA ALA A 41 8.67 -18.17 -8.75
C ALA A 41 7.39 -17.40 -8.87
N ASN A 42 7.43 -16.07 -8.70
CA ASN A 42 6.20 -15.26 -8.74
C ASN A 42 5.69 -15.11 -10.14
N ILE A 43 6.59 -14.89 -11.07
CA ILE A 43 6.25 -14.79 -12.45
C ILE A 43 5.65 -16.09 -12.94
N ALA A 44 6.09 -17.23 -12.42
CA ALA A 44 5.54 -18.55 -12.83
C ALA A 44 4.20 -18.74 -12.12
N ALA A 45 3.96 -18.03 -11.03
CA ALA A 45 2.65 -18.11 -10.32
C ALA A 45 1.75 -16.88 -10.60
N ASP A 46 1.81 -16.42 -11.87
CA ASP A 46 0.91 -15.44 -12.43
C ASP A 46 0.99 -14.06 -11.77
N GLY A 47 2.13 -13.71 -11.18
CA GLY A 47 2.29 -12.39 -10.53
C GLY A 47 3.35 -11.55 -11.25
N GLY A 48 3.59 -10.33 -10.79
CA GLY A 48 4.51 -9.41 -11.51
C GLY A 48 5.95 -9.76 -11.11
N PRO A 49 6.93 -9.22 -11.85
CA PRO A 49 8.33 -9.51 -11.69
C PRO A 49 9.00 -8.78 -10.48
N PHE A 50 8.47 -8.92 -9.25
CA PHE A 50 8.92 -8.11 -8.10
C PHE A 50 8.72 -8.92 -6.85
N ALA A 51 9.73 -8.88 -5.99
CA ALA A 51 9.70 -9.66 -4.75
C ALA A 51 10.50 -8.84 -3.74
N ALA A 52 10.21 -9.03 -2.47
CA ALA A 52 10.97 -8.37 -1.41
C ALA A 52 10.90 -9.23 -0.16
N ALA A 53 11.82 -9.01 0.78
CA ALA A 53 11.75 -9.82 2.02
C ALA A 53 12.27 -8.96 3.16
N VAL A 54 11.68 -9.12 4.35
CA VAL A 54 12.20 -8.42 5.53
C VAL A 54 13.05 -9.43 6.33
N PHE A 55 14.29 -9.03 6.64
CA PHE A 55 15.26 -9.80 7.34
C PHE A 55 15.65 -9.02 8.63
N GLU A 56 16.06 -9.73 9.68
CA GLU A 56 16.78 -9.06 10.74
C GLU A 56 18.06 -8.51 10.16
N ARG A 57 18.33 -7.22 10.34
CA ARG A 57 19.50 -6.62 9.69
C ARG A 57 20.81 -7.31 10.14
N ASP A 58 20.98 -7.47 11.45
CA ASP A 58 22.24 -7.99 12.03
C ASP A 58 22.37 -9.49 12.24
N SER A 59 21.37 -10.26 11.88
CA SER A 59 21.54 -11.70 12.03
C SER A 59 21.29 -12.40 10.66
N GLY A 60 20.57 -11.73 9.73
CA GLY A 60 20.19 -12.36 8.46
C GLY A 60 19.00 -13.28 8.55
N LEU A 61 18.33 -13.35 9.71
CA LEU A 61 17.14 -14.20 9.87
C LEU A 61 15.98 -13.64 9.01
N LEU A 62 15.43 -14.43 8.06
CA LEU A 62 14.25 -14.04 7.32
C LEU A 62 13.05 -13.91 8.28
N ILE A 63 12.39 -12.73 8.27
CA ILE A 63 11.13 -12.52 8.96
C ILE A 63 9.95 -12.85 8.03
N ALA A 64 9.87 -12.20 6.87
CA ALA A 64 8.77 -12.47 5.97
C ALA A 64 9.10 -12.02 4.51
N ALA A 65 8.50 -12.68 3.52
CA ALA A 65 8.72 -12.33 2.11
C ALA A 65 7.38 -11.95 1.51
N GLY A 66 7.42 -11.21 0.43
CA GLY A 66 6.23 -10.74 -0.26
C GLY A 66 6.57 -10.66 -1.75
N THR A 67 5.57 -10.79 -2.60
CA THR A 67 5.80 -10.65 -4.01
C THR A 67 4.61 -9.84 -4.54
N ASN A 68 4.73 -9.39 -5.77
CA ASN A 68 3.64 -8.60 -6.35
CA ASN A 68 3.65 -8.61 -6.39
C ASN A 68 2.42 -9.51 -6.68
N ARG A 69 1.29 -9.28 -6.00
CA ARG A 69 0.11 -10.03 -6.26
C ARG A 69 -1.03 -9.13 -6.76
N VAL A 70 -0.66 -8.02 -7.42
CA VAL A 70 -1.64 -7.03 -7.94
C VAL A 70 -2.76 -7.71 -8.76
N VAL A 71 -2.38 -8.47 -9.83
CA VAL A 71 -3.39 -8.99 -10.80
C VAL A 71 -4.09 -10.23 -10.15
N PRO A 72 -3.29 -11.25 -9.74
CA PRO A 72 -4.00 -12.39 -9.11
C PRO A 72 -4.82 -12.02 -7.89
N GLY A 73 -4.33 -11.08 -7.06
CA GLY A 73 -5.03 -10.71 -5.81
C GLY A 73 -6.08 -9.59 -5.96
N ARG A 74 -6.27 -9.12 -7.20
CA ARG A 74 -7.23 -8.03 -7.50
C ARG A 74 -7.05 -6.83 -6.54
N CYS A 75 -5.80 -6.34 -6.41
CA CYS A 75 -5.47 -5.34 -5.38
C CYS A 75 -4.24 -4.52 -5.80
N SER A 76 -4.44 -3.27 -6.22
CA SER A 76 -3.36 -2.49 -6.75
C SER A 76 -2.33 -2.14 -5.64
N ALA A 77 -2.75 -2.20 -4.36
CA ALA A 77 -1.80 -1.99 -3.28
C ALA A 77 -0.87 -3.17 -3.03
N ALA A 78 -1.07 -4.28 -3.72
CA ALA A 78 -0.35 -5.53 -3.35
C ALA A 78 1.05 -5.64 -4.01
N HIS A 79 1.84 -4.60 -3.88
CA HIS A 79 3.23 -4.62 -4.33
C HIS A 79 4.02 -5.49 -3.40
N ALA A 80 5.15 -6.02 -3.86
CA ALA A 80 5.97 -6.95 -3.06
C ALA A 80 6.33 -6.34 -1.69
N GLU A 81 6.67 -5.06 -1.72
CA GLU A 81 7.14 -4.33 -0.51
C GLU A 81 6.03 -4.26 0.56
N ILE A 82 4.81 -3.96 0.13
CA ILE A 82 3.64 -3.83 1.03
C ILE A 82 3.35 -5.21 1.63
N LEU A 83 3.46 -6.25 0.82
CA LEU A 83 3.20 -7.60 1.35
C LEU A 83 4.31 -8.03 2.34
N ALA A 84 5.57 -7.89 1.94
CA ALA A 84 6.74 -8.27 2.79
C ALA A 84 6.64 -7.55 4.18
N LEU A 85 6.43 -6.23 4.15
CA LEU A 85 6.41 -5.38 5.34
C LEU A 85 5.23 -5.77 6.23
N SER A 86 4.04 -5.90 5.62
CA SER A 86 2.81 -6.15 6.36
C SER A 86 2.88 -7.54 6.95
N LEU A 87 3.32 -8.49 6.14
CA LEU A 87 3.46 -9.86 6.67
C LEU A 87 4.50 -10.00 7.84
N ALA A 88 5.59 -9.26 7.78
CA ALA A 88 6.58 -9.22 8.84
C ALA A 88 5.98 -8.57 10.12
N GLN A 89 5.19 -7.54 9.93
CA GLN A 89 4.48 -6.85 11.06
C GLN A 89 3.45 -7.76 11.70
N ALA A 90 2.71 -8.50 10.89
CA ALA A 90 1.80 -9.50 11.39
C ALA A 90 2.46 -10.63 12.24
N LYS A 91 3.56 -11.18 11.76
CA LYS A 91 4.34 -12.20 12.46
C LYS A 91 4.94 -11.67 13.78
N LEU A 92 5.46 -10.48 13.79
CA LEU A 92 6.03 -9.96 15.02
C LEU A 92 5.00 -9.21 15.89
N ASP A 93 3.77 -9.10 15.41
CA ASP A 93 2.64 -8.58 16.20
C ASP A 93 2.85 -7.10 16.63
N THR A 94 3.25 -6.28 15.66
CA THR A 94 3.31 -4.84 15.85
C THR A 94 3.18 -4.17 14.47
N HIS A 95 2.62 -2.96 14.45
CA HIS A 95 2.72 -2.13 13.25
C HIS A 95 4.10 -1.53 13.08
N ASP A 96 4.91 -1.58 14.14
CA ASP A 96 6.17 -0.83 14.09
C ASP A 96 7.38 -1.78 14.19
N LEU A 97 8.09 -1.96 13.05
CA LEU A 97 9.24 -2.85 13.05
C LEU A 97 10.47 -2.32 13.85
N SER A 98 10.43 -1.07 14.28
CA SER A 98 11.43 -0.60 15.22
C SER A 98 10.92 -0.46 16.68
N ALA A 99 9.83 -1.16 17.03
CA ALA A 99 9.22 -1.16 18.39
C ALA A 99 10.22 -1.74 19.40
N ASP A 100 10.14 -1.37 20.70
CA ASP A 100 11.15 -1.76 21.69
C ASP A 100 11.24 -3.25 21.77
N GLY A 101 12.43 -3.82 21.80
CA GLY A 101 12.50 -5.27 21.86
C GLY A 101 12.77 -5.95 20.54
N LEU A 102 12.53 -5.23 19.43
CA LEU A 102 12.57 -5.84 18.10
C LEU A 102 13.93 -5.64 17.50
N PRO A 103 14.42 -6.66 16.84
CA PRO A 103 15.70 -6.49 16.17
C PRO A 103 15.49 -5.47 15.06
N ALA A 104 16.52 -4.70 14.75
CA ALA A 104 16.48 -3.79 13.59
C ALA A 104 16.23 -4.59 12.31
N CYS A 105 15.38 -4.09 11.41
CA CYS A 105 14.88 -4.89 10.27
C CYS A 105 15.32 -4.20 9.01
N GLU A 106 15.50 -4.98 7.96
CA GLU A 106 16.02 -4.46 6.71
C GLU A 106 15.04 -5.05 5.67
N LEU A 107 14.63 -4.23 4.71
CA LEU A 107 13.81 -4.70 3.58
C LEU A 107 14.76 -4.87 2.40
N VAL A 108 14.85 -6.07 1.85
CA VAL A 108 15.63 -6.37 0.64
C VAL A 108 14.59 -6.52 -0.51
N THR A 109 14.72 -5.78 -1.61
CA THR A 109 13.68 -5.67 -2.60
C THR A 109 14.32 -5.77 -4.00
N SER A 110 13.65 -6.48 -4.89
CA SER A 110 14.21 -6.87 -6.19
C SER A 110 14.36 -5.60 -7.10
N ALA A 111 13.80 -4.47 -6.65
CA ALA A 111 13.77 -3.18 -7.43
C ALA A 111 13.52 -1.95 -6.51
N GLU A 112 14.00 -0.77 -6.92
CA GLU A 112 13.72 0.49 -6.21
C GLU A 112 12.21 0.74 -6.06
N PRO A 113 11.78 1.21 -4.87
CA PRO A 113 10.39 1.26 -4.57
C PRO A 113 9.64 2.33 -5.38
N CYS A 114 8.37 2.07 -5.70
CA CYS A 114 7.53 3.12 -6.36
C CYS A 114 7.17 4.16 -5.27
N VAL A 115 6.46 5.24 -5.62
CA VAL A 115 6.15 6.25 -4.57
C VAL A 115 5.30 5.69 -3.41
N MET A 116 4.33 4.80 -3.68
CA MET A 116 3.51 4.22 -2.62
C MET A 116 4.39 3.42 -1.63
N CYS A 117 5.22 2.55 -2.20
CA CYS A 117 6.13 1.69 -1.44
C CYS A 117 7.18 2.47 -0.67
N PHE A 118 7.63 3.57 -1.27
CA PHE A 118 8.52 4.50 -0.62
C PHE A 118 7.93 5.01 0.70
N GLY A 119 6.65 5.41 0.69
CA GLY A 119 6.02 5.87 1.98
C GLY A 119 5.83 4.66 2.84
N ALA A 120 5.44 3.51 2.27
CA ALA A 120 5.28 2.32 3.17
C ALA A 120 6.55 1.99 3.95
N VAL A 121 7.68 2.09 3.24
CA VAL A 121 9.00 1.89 3.88
C VAL A 121 9.22 2.84 5.07
N ILE A 122 8.98 4.13 4.85
CA ILE A 122 9.09 5.15 5.91
C ILE A 122 8.22 4.78 7.12
N TRP A 123 6.98 4.33 6.91
CA TRP A 123 6.08 4.09 8.05
C TRP A 123 6.37 2.77 8.74
N SER A 124 7.10 1.86 8.10
CA SER A 124 7.16 0.49 8.54
C SER A 124 8.05 0.24 9.79
N GLY A 125 9.01 1.14 10.03
CA GLY A 125 10.00 0.90 11.03
C GLY A 125 11.28 0.18 10.57
N VAL A 126 11.39 -0.30 9.30
CA VAL A 126 12.69 -0.93 8.87
C VAL A 126 13.75 0.19 8.96
N ARG A 127 15.04 -0.16 9.12
CA ARG A 127 16.12 0.82 9.30
C ARG A 127 17.08 0.82 8.08
N SER A 128 16.77 -0.01 7.07
CA SER A 128 17.67 -0.34 5.95
C SER A 128 16.83 -0.83 4.77
N LEU A 129 17.11 -0.27 3.58
CA LEU A 129 16.45 -0.65 2.33
C LEU A 129 17.56 -1.04 1.38
N VAL A 130 17.44 -2.23 0.78
CA VAL A 130 18.48 -2.71 -0.13
C VAL A 130 17.79 -3.18 -1.43
N CYS A 131 18.12 -2.53 -2.55
CA CYS A 131 17.47 -2.72 -3.83
C CYS A 131 18.43 -3.31 -4.87
N ALA A 132 17.85 -4.05 -5.82
CA ALA A 132 18.61 -4.65 -6.93
C ALA A 132 18.41 -3.75 -8.19
N ALA A 133 17.32 -3.94 -8.96
CA ALA A 133 17.12 -3.14 -10.21
C ALA A 133 16.97 -1.61 -9.88
N ARG A 134 17.48 -0.74 -10.75
CA ARG A 134 17.27 0.68 -10.55
C ARG A 134 15.90 1.14 -11.11
N SER A 135 15.43 2.32 -10.71
CA SER A 135 14.18 2.86 -11.25
C SER A 135 14.17 2.90 -12.83
N ASP A 136 15.32 3.25 -13.41
CA ASP A 136 15.44 3.27 -14.88
C ASP A 136 15.20 1.92 -15.52
N ASP A 137 15.62 0.88 -14.82
CA ASP A 137 15.44 -0.52 -15.29
C ASP A 137 13.98 -0.93 -15.34
N VAL A 138 13.28 -0.57 -14.26
CA VAL A 138 11.88 -0.86 -14.09
C VAL A 138 11.06 -0.16 -15.18
N GLU A 139 11.35 1.12 -15.39
CA GLU A 139 10.63 1.93 -16.33
C GLU A 139 10.89 1.44 -17.76
N ALA A 140 12.12 0.96 -17.99
CA ALA A 140 12.49 0.40 -19.30
C ALA A 140 11.57 -0.73 -19.82
N ILE A 141 10.88 -1.46 -18.95
CA ILE A 141 9.89 -2.47 -19.34
C ILE A 141 8.42 -2.06 -19.04
N GLY A 142 8.16 -0.74 -19.01
CA GLY A 142 6.82 -0.18 -18.86
C GLY A 142 6.27 -0.10 -17.44
N PHE A 143 7.04 -0.40 -16.38
CA PHE A 143 6.47 -0.19 -15.08
C PHE A 143 6.81 1.23 -14.67
N ASP A 144 5.93 1.83 -13.90
CA ASP A 144 6.01 3.27 -13.63
C ASP A 144 6.34 3.39 -12.15
N GLU A 145 7.37 4.15 -11.83
CA GLU A 145 7.70 4.33 -10.43
C GLU A 145 6.78 5.39 -9.78
N GLY A 146 6.17 6.24 -10.62
CA GLY A 146 5.26 7.31 -10.14
C GLY A 146 6.02 8.52 -9.62
N PRO A 147 5.31 9.59 -9.22
CA PRO A 147 6.08 10.80 -8.82
C PRO A 147 6.62 10.72 -7.38
N ARG A 148 7.81 10.13 -7.19
CA ARG A 148 8.55 10.24 -5.89
C ARG A 148 9.07 11.65 -5.62
N PRO A 149 9.25 12.03 -4.32
CA PRO A 149 9.85 13.33 -4.11
C PRO A 149 11.23 13.39 -4.70
N GLU A 150 11.66 14.61 -4.99
CA GLU A 150 13.02 14.89 -5.39
C GLU A 150 13.96 14.30 -4.34
N ASN A 151 15.03 13.68 -4.82
CA ASN A 151 15.98 13.05 -3.93
C ASN A 151 15.32 12.12 -2.88
N TRP A 152 14.51 11.22 -3.38
CA TRP A 152 13.85 10.27 -2.51
C TRP A 152 14.82 9.48 -1.62
N MET A 153 16.01 9.15 -2.12
CA MET A 153 17.01 8.42 -1.32
C MET A 153 17.56 9.22 -0.13
N GLY A 154 17.93 10.46 -0.38
CA GLY A 154 18.23 11.43 0.69
C GLY A 154 17.09 11.59 1.67
N GLY A 155 15.84 11.54 1.18
CA GLY A 155 14.68 11.53 2.02
C GLY A 155 14.71 10.39 3.03
N LEU A 156 14.97 9.15 2.57
CA LEU A 156 15.13 8.01 3.45
C LEU A 156 16.23 8.14 4.46
N GLU A 157 17.42 8.60 4.02
CA GLU A 157 18.56 8.73 4.90
C GLU A 157 18.26 9.71 6.00
N ALA A 158 17.62 10.83 5.65
CA ALA A 158 17.25 11.85 6.70
C ALA A 158 16.24 11.30 7.75
N ARG A 159 15.45 10.26 7.40
CA ARG A 159 14.60 9.53 8.37
C ARG A 159 15.35 8.37 9.04
N GLY A 160 16.67 8.32 8.84
CA GLY A 160 17.50 7.28 9.43
C GLY A 160 17.38 5.92 8.74
N ILE A 161 16.99 5.91 7.46
CA ILE A 161 16.79 4.62 6.79
C ILE A 161 17.92 4.52 5.76
N THR A 162 18.87 3.66 5.99
CA THR A 162 20.01 3.60 5.07
C THR A 162 19.54 2.89 3.78
N VAL A 163 20.03 3.37 2.63
CA VAL A 163 19.62 2.90 1.30
C VAL A 163 20.86 2.42 0.52
N THR A 164 20.76 1.23 -0.04
CA THR A 164 21.70 0.65 -0.99
C THR A 164 20.89 0.31 -2.23
N THR A 165 21.47 0.46 -3.40
CA THR A 165 20.81 -0.05 -4.59
C THR A 165 21.87 -0.63 -5.59
N GLY A 166 21.40 -1.46 -6.53
CA GLY A 166 22.30 -2.05 -7.54
C GLY A 166 22.82 -3.42 -7.15
N LEU A 167 22.34 -3.94 -6.02
CA LEU A 167 22.84 -5.20 -5.54
C LEU A 167 22.27 -6.33 -6.41
N LEU A 168 23.16 -7.11 -7.03
CA LEU A 168 22.78 -8.11 -8.05
C LEU A 168 21.84 -7.48 -9.10
N ARG A 169 22.11 -6.26 -9.48
CA ARG A 169 21.30 -5.57 -10.50
C ARG A 169 21.26 -6.32 -11.86
N ASP A 170 22.37 -6.93 -12.27
CA ASP A 170 22.40 -7.70 -13.55
C ASP A 170 21.37 -8.84 -13.60
N ALA A 171 21.40 -9.68 -12.59
CA ALA A 171 20.42 -10.76 -12.51
C ALA A 171 18.99 -10.23 -12.43
N ALA A 172 18.76 -9.18 -11.63
CA ALA A 172 17.42 -8.60 -11.51
C ALA A 172 16.92 -8.07 -12.88
N CYS A 173 17.78 -7.33 -13.62
CA CYS A 173 17.47 -6.90 -15.00
C CYS A 173 17.14 -8.03 -15.96
N ALA A 174 17.95 -9.09 -15.90
CA ALA A 174 17.74 -10.30 -16.68
C ALA A 174 16.33 -10.85 -16.36
N LEU A 175 15.93 -10.94 -15.09
CA LEU A 175 14.56 -11.40 -14.82
C LEU A 175 13.43 -10.47 -15.33
N LEU A 176 13.63 -9.17 -15.20
CA LEU A 176 12.68 -8.16 -15.72
C LEU A 176 12.48 -8.32 -17.25
N ARG A 177 13.58 -8.44 -17.97
CA ARG A 177 13.59 -8.58 -19.43
C ARG A 177 12.93 -9.90 -19.81
N GLU A 178 13.05 -10.92 -18.97
CA GLU A 178 12.47 -12.19 -19.29
C GLU A 178 10.97 -12.17 -19.04
N TYR A 179 10.50 -11.48 -18.00
CA TYR A 179 9.08 -11.24 -17.82
C TYR A 179 8.51 -10.44 -19.03
N ASN A 180 9.24 -9.43 -19.50
CA ASN A 180 8.75 -8.54 -20.56
C ASN A 180 8.62 -9.29 -21.94
N ALA A 181 9.69 -10.00 -22.33
CA ALA A 181 9.64 -10.96 -23.44
C ALA A 181 8.46 -11.95 -23.38
N CYS A 182 8.05 -12.43 -22.22
CA CYS A 182 6.86 -13.30 -22.12
C CYS A 182 5.52 -12.63 -21.81
N ASN A 183 5.45 -11.30 -21.83
CA ASN A 183 4.26 -10.59 -21.42
C ASN A 183 3.04 -10.64 -22.35
N GLY A 184 3.26 -10.70 -23.67
CA GLY A 184 2.19 -10.51 -24.69
C GLY A 184 1.02 -11.51 -24.65
N VAL A 185 0.07 -11.38 -25.59
CA VAL A 185 -1.07 -12.32 -25.73
C VAL A 185 -0.82 -13.52 -26.67
N ILE A 186 0.18 -13.44 -27.57
CA ILE A 186 0.38 -14.49 -28.58
C ILE A 186 1.12 -15.61 -27.91
N TYR A 187 0.59 -16.83 -27.95
CA TYR A 187 1.16 -17.94 -27.21
C TYR A 187 2.61 -18.16 -27.64
N ASN A 188 3.49 -18.33 -26.66
CA ASN A 188 4.92 -18.66 -26.91
C ASN A 188 5.23 -19.84 -25.99
N ALA A 189 5.28 -21.03 -26.56
CA ALA A 189 5.72 -22.23 -25.87
C ALA A 189 7.00 -22.04 -25.03
N ARG A 190 7.92 -21.19 -25.50
CA ARG A 190 9.13 -20.92 -24.72
C ARG A 190 8.89 -20.23 -23.38
N CYS A 191 7.72 -19.63 -23.19
CA CYS A 191 7.37 -19.00 -21.92
C CYS A 191 6.80 -19.97 -20.92
N GLY B 1 -5.15 -10.53 11.77
CA GLY B 1 -4.15 -11.33 12.54
C GLY B 1 -3.22 -12.12 11.64
N HIS B 2 -2.18 -12.70 12.25
CA HIS B 2 -1.24 -13.60 11.58
C HIS B 2 -1.94 -14.80 10.97
N MET B 3 -1.65 -15.05 9.69
CA MET B 3 -2.17 -16.21 8.93
C MET B 3 -0.93 -16.82 8.27
N ASN B 4 -1.03 -18.03 7.74
CA ASN B 4 0.14 -18.56 7.05
C ASN B 4 0.07 -18.26 5.58
N ASP B 5 -1.15 -18.35 5.06
CA ASP B 5 -1.43 -18.36 3.63
C ASP B 5 -2.09 -17.06 3.13
N ALA B 6 -2.12 -16.02 3.96
CA ALA B 6 -2.71 -14.72 3.50
C ALA B 6 -2.21 -13.54 4.28
N LEU B 7 -2.15 -12.37 3.64
CA LEU B 7 -2.19 -11.17 4.45
C LEU B 7 -3.68 -10.90 4.81
N HIS B 8 -4.04 -10.80 6.10
CA HIS B 8 -5.48 -10.69 6.46
C HIS B 8 -5.69 -9.56 7.41
N ILE B 9 -6.32 -8.46 6.98
CA ILE B 9 -6.58 -7.36 7.91
C ILE B 9 -8.08 -7.38 8.18
N GLY B 10 -8.42 -7.81 9.39
CA GLY B 10 -9.82 -7.83 9.88
C GLY B 10 -10.37 -6.42 10.10
N LEU B 11 -11.68 -6.29 9.98
CA LEU B 11 -12.37 -5.01 10.11
C LEU B 11 -13.32 -5.07 11.27
N PRO B 12 -13.39 -3.99 12.03
CA PRO B 12 -14.32 -3.93 13.17
C PRO B 12 -15.82 -3.90 12.68
N PRO B 13 -16.80 -4.29 13.56
CA PRO B 13 -18.20 -4.44 13.22
C PRO B 13 -18.78 -3.22 12.38
N PHE B 14 -18.56 -1.99 12.83
CA PHE B 14 -19.15 -0.85 12.10
C PHE B 14 -18.66 -0.82 10.65
N LEU B 15 -17.43 -1.29 10.41
CA LEU B 15 -16.80 -1.20 9.09
C LEU B 15 -17.24 -2.35 8.16
N VAL B 16 -17.43 -3.54 8.72
CA VAL B 16 -18.05 -4.63 7.97
C VAL B 16 -19.46 -4.19 7.53
N GLN B 17 -20.19 -3.57 8.47
CA GLN B 17 -21.53 -3.15 8.19
C GLN B 17 -21.52 -2.08 7.08
N ALA B 18 -20.65 -1.09 7.25
CA ALA B 18 -20.48 -0.03 6.23
C ALA B 18 -20.19 -0.63 4.81
N ASN B 19 -19.39 -1.68 4.73
CA ASN B 19 -19.13 -2.33 3.46
C ASN B 19 -20.19 -3.28 2.96
N ASN B 20 -21.25 -3.52 3.72
CA ASN B 20 -22.28 -4.43 3.31
C ASN B 20 -23.69 -3.86 3.39
N GLU B 21 -23.84 -2.58 3.64
CA GLU B 21 -25.16 -2.02 3.61
C GLU B 21 -25.30 -1.04 2.44
N PRO B 22 -26.47 -1.09 1.76
CA PRO B 22 -26.68 -0.31 0.56
C PRO B 22 -26.73 1.18 0.89
N ARG B 23 -26.02 2.02 0.12
CA ARG B 23 -26.00 3.43 0.46
C ARG B 23 -25.68 4.24 -0.78
N VAL B 24 -26.65 5.04 -1.23
CA VAL B 24 -26.41 5.94 -2.36
C VAL B 24 -26.44 7.35 -1.81
N LEU B 25 -25.36 8.10 -1.98
CA LEU B 25 -25.28 9.46 -1.42
C LEU B 25 -24.89 10.42 -2.51
N ALA B 26 -25.85 11.12 -3.09
CA ALA B 26 -25.62 11.85 -4.36
C ALA B 26 -24.72 13.06 -4.20
N ALA B 27 -25.00 13.93 -3.22
CA ALA B 27 -24.23 15.17 -3.00
C ALA B 27 -22.85 14.87 -2.40
N PRO B 28 -21.82 15.64 -2.76
CA PRO B 28 -20.43 15.50 -2.21
C PRO B 28 -20.44 15.62 -0.69
N GLU B 29 -21.21 16.58 -0.18
CA GLU B 29 -21.24 16.82 1.26
C GLU B 29 -21.92 15.66 2.00
N ALA B 30 -22.90 15.01 1.37
CA ALA B 30 -23.48 13.73 1.89
C ALA B 30 -22.44 12.62 2.00
N ARG B 31 -21.69 12.42 0.94
CA ARG B 31 -20.58 11.48 0.92
C ARG B 31 -19.60 11.80 2.03
N MET B 32 -19.23 13.05 2.19
CA MET B 32 -18.20 13.41 3.18
C MET B 32 -18.75 13.34 4.63
N GLY B 33 -20.02 13.68 4.83
CA GLY B 33 -20.62 13.52 6.13
C GLY B 33 -20.56 12.06 6.53
N TYR B 34 -20.93 11.14 5.65
CA TYR B 34 -20.84 9.70 6.01
C TYR B 34 -19.40 9.25 6.32
N VAL B 35 -18.45 9.62 5.49
CA VAL B 35 -17.02 9.39 5.86
C VAL B 35 -16.63 9.89 7.27
N LEU B 36 -17.13 11.06 7.68
CA LEU B 36 -16.79 11.60 9.07
C LEU B 36 -17.52 10.79 10.12
N GLU B 37 -18.74 10.28 9.83
CA GLU B 37 -19.32 9.27 10.79
C GLU B 37 -18.41 8.07 10.98
N LEU B 38 -17.79 7.59 9.88
CA LEU B 38 -16.82 6.49 9.99
C LEU B 38 -15.59 6.83 10.81
N VAL B 39 -15.09 8.06 10.69
CA VAL B 39 -14.03 8.53 11.56
C VAL B 39 -14.47 8.36 13.02
N ARG B 40 -15.66 8.82 13.36
CA ARG B 40 -16.07 8.81 14.78
C ARG B 40 -16.16 7.33 15.25
N ALA B 41 -16.75 6.46 14.41
CA ALA B 41 -16.91 5.03 14.78
C ALA B 41 -15.54 4.39 14.94
N ASN B 42 -14.60 4.77 14.08
CA ASN B 42 -13.24 4.22 14.17
C ASN B 42 -12.45 4.57 15.44
N ILE B 43 -12.55 5.85 15.83
CA ILE B 43 -11.95 6.31 17.09
C ILE B 43 -12.50 5.46 18.24
N ALA B 44 -13.82 5.21 18.22
CA ALA B 44 -14.43 4.42 19.29
C ALA B 44 -14.03 2.93 19.19
N ALA B 45 -13.58 2.47 18.01
CA ALA B 45 -13.08 1.09 17.88
C ALA B 45 -11.53 1.03 17.78
N ASP B 46 -10.86 1.95 18.49
CA ASP B 46 -9.41 1.95 18.81
C ASP B 46 -8.52 2.24 17.62
N GLY B 47 -9.03 2.99 16.65
CA GLY B 47 -8.34 3.19 15.38
C GLY B 47 -7.94 4.67 15.36
N GLY B 48 -7.07 5.04 14.39
CA GLY B 48 -6.77 6.43 14.12
C GLY B 48 -7.98 7.24 13.61
N PRO B 49 -7.86 8.60 13.65
CA PRO B 49 -9.00 9.44 13.32
C PRO B 49 -9.05 9.68 11.80
N PHE B 50 -9.10 8.61 11.00
CA PHE B 50 -9.16 8.75 9.50
C PHE B 50 -10.10 7.68 8.94
N ALA B 51 -10.87 8.06 7.93
CA ALA B 51 -11.73 7.14 7.20
C ALA B 51 -11.77 7.64 5.73
N ALA B 52 -12.24 6.78 4.87
CA ALA B 52 -12.33 7.04 3.44
C ALA B 52 -13.32 6.04 2.87
N ALA B 53 -13.88 6.39 1.73
CA ALA B 53 -14.78 5.50 1.02
C ALA B 53 -14.70 5.73 -0.45
N VAL B 54 -14.88 4.64 -1.19
CA VAL B 54 -14.93 4.74 -2.64
C VAL B 54 -16.44 4.76 -2.99
N PHE B 55 -16.80 5.78 -3.76
CA PHE B 55 -18.13 5.98 -4.34
C PHE B 55 -18.04 5.93 -5.90
N GLU B 56 -19.12 5.52 -6.58
CA GLU B 56 -19.26 5.81 -7.98
C GLU B 56 -19.42 7.30 -8.09
N ARG B 57 -18.57 7.94 -8.87
CA ARG B 57 -18.48 9.41 -8.90
C ARG B 57 -19.81 10.12 -9.22
N ASP B 58 -20.52 9.64 -10.24
CA ASP B 58 -21.79 10.29 -10.64
C ASP B 58 -22.99 9.94 -9.73
N SER B 59 -23.36 8.68 -9.65
CA SER B 59 -24.45 8.25 -8.75
C SER B 59 -24.24 8.43 -7.21
N GLY B 60 -23.00 8.31 -6.69
CA GLY B 60 -22.79 8.33 -5.22
C GLY B 60 -23.17 7.00 -4.58
N LEU B 61 -23.22 5.95 -5.39
CA LEU B 61 -23.29 4.57 -4.82
C LEU B 61 -21.98 4.25 -4.07
N LEU B 62 -22.10 3.92 -2.79
CA LEU B 62 -20.96 3.54 -1.98
C LEU B 62 -20.48 2.16 -2.40
N ILE B 63 -19.19 2.01 -2.70
CA ILE B 63 -18.66 0.73 -3.10
CA ILE B 63 -18.64 0.74 -3.12
C ILE B 63 -17.93 0.07 -1.94
N ALA B 64 -17.13 0.84 -1.18
CA ALA B 64 -16.41 0.28 -0.06
C ALA B 64 -15.91 1.41 0.82
N ALA B 65 -15.63 1.07 2.06
CA ALA B 65 -15.13 2.02 3.02
C ALA B 65 -13.94 1.40 3.79
N GLY B 66 -13.05 2.26 4.21
CA GLY B 66 -11.89 1.83 5.02
C GLY B 66 -11.64 2.88 6.06
N THR B 67 -10.89 2.50 7.10
CA THR B 67 -10.53 3.43 8.16
C THR B 67 -9.09 3.04 8.59
N ASN B 68 -8.43 3.93 9.35
CA ASN B 68 -7.12 3.63 9.87
C ASN B 68 -7.22 2.45 10.83
N ARG B 69 -6.55 1.36 10.49
CA ARG B 69 -6.49 0.19 11.36
C ARG B 69 -5.04 -0.19 11.67
N VAL B 70 -4.16 0.81 11.62
CA VAL B 70 -2.70 0.59 11.82
C VAL B 70 -2.35 -0.13 13.13
N VAL B 71 -2.73 0.46 14.25
CA VAL B 71 -2.40 -0.14 15.56
C VAL B 71 -3.18 -1.44 15.86
N PRO B 72 -4.53 -1.42 15.87
CA PRO B 72 -5.22 -2.67 16.17
C PRO B 72 -4.99 -3.79 15.11
N GLY B 73 -4.67 -3.40 13.88
CA GLY B 73 -4.43 -4.39 12.87
C GLY B 73 -2.94 -4.77 12.80
N ARG B 74 -2.05 -4.10 13.57
CA ARG B 74 -0.58 -4.43 13.46
C ARG B 74 -0.07 -4.36 12.00
N CYS B 75 -0.38 -3.24 11.33
CA CYS B 75 -0.08 -3.08 9.90
C CYS B 75 0.04 -1.59 9.60
N SER B 76 1.28 -1.13 9.43
CA SER B 76 1.53 0.27 9.07
C SER B 76 0.96 0.67 7.69
N ALA B 77 0.67 -0.28 6.80
CA ALA B 77 0.08 0.06 5.51
C ALA B 77 -1.44 0.25 5.59
N ALA B 78 -2.01 -0.06 6.75
CA ALA B 78 -3.46 0.00 6.93
C ALA B 78 -4.08 1.40 7.14
N HIS B 79 -3.73 2.39 6.31
CA HIS B 79 -4.44 3.66 6.30
C HIS B 79 -5.81 3.51 5.68
N ALA B 80 -6.71 4.40 6.08
CA ALA B 80 -8.11 4.42 5.57
C ALA B 80 -8.13 4.20 4.07
N GLU B 81 -7.28 4.93 3.36
CA GLU B 81 -7.30 4.95 1.86
C GLU B 81 -6.96 3.62 1.27
N ILE B 82 -5.85 3.02 1.75
CA ILE B 82 -5.47 1.63 1.32
C ILE B 82 -6.63 0.64 1.47
N LEU B 83 -7.25 0.62 2.65
CA LEU B 83 -8.38 -0.28 2.86
C LEU B 83 -9.53 0.06 1.96
N ALA B 84 -9.94 1.33 1.87
CA ALA B 84 -11.11 1.73 1.03
C ALA B 84 -10.83 1.30 -0.43
N LEU B 85 -9.67 1.65 -0.97
CA LEU B 85 -9.38 1.34 -2.41
C LEU B 85 -9.31 -0.19 -2.66
N SER B 86 -8.61 -0.87 -1.74
CA SER B 86 -8.48 -2.34 -1.81
C SER B 86 -9.79 -3.14 -1.70
N LEU B 87 -10.62 -2.78 -0.75
CA LEU B 87 -11.94 -3.34 -0.65
C LEU B 87 -12.85 -3.06 -1.85
N ALA B 88 -12.75 -1.86 -2.42
CA ALA B 88 -13.54 -1.51 -3.63
C ALA B 88 -13.10 -2.43 -4.78
N GLN B 89 -11.79 -2.66 -4.89
CA GLN B 89 -11.27 -3.50 -5.97
C GLN B 89 -11.66 -4.94 -5.75
N ALA B 90 -11.63 -5.42 -4.49
CA ALA B 90 -12.12 -6.78 -4.19
C ALA B 90 -13.59 -6.90 -4.63
N LYS B 91 -14.42 -5.96 -4.20
CA LYS B 91 -15.83 -5.92 -4.57
C LYS B 91 -16.06 -5.95 -6.06
N LEU B 92 -15.34 -5.12 -6.83
CA LEU B 92 -15.53 -5.06 -8.23
C LEU B 92 -14.75 -6.15 -9.03
N ASP B 93 -14.10 -7.10 -8.35
CA ASP B 93 -13.29 -8.14 -8.97
C ASP B 93 -12.28 -7.57 -9.96
N THR B 94 -11.57 -6.52 -9.60
CA THR B 94 -10.48 -6.08 -10.45
C THR B 94 -9.49 -5.25 -9.66
N HIS B 95 -8.25 -5.25 -10.09
CA HIS B 95 -7.26 -4.43 -9.42
C HIS B 95 -7.26 -3.01 -9.98
N ASP B 96 -8.03 -2.78 -11.04
CA ASP B 96 -7.98 -1.50 -11.76
C ASP B 96 -9.37 -0.84 -11.81
N LEU B 97 -9.60 0.18 -10.98
CA LEU B 97 -10.95 0.80 -10.91
C LEU B 97 -11.37 1.59 -12.19
N SER B 98 -10.44 1.82 -13.11
CA SER B 98 -10.80 2.52 -14.31
C SER B 98 -10.89 1.54 -15.46
N ALA B 99 -10.96 0.24 -15.17
CA ALA B 99 -11.22 -0.86 -16.18
C ALA B 99 -12.47 -0.62 -17.05
N ASP B 100 -12.30 -0.84 -18.36
CA ASP B 100 -13.31 -0.56 -19.35
C ASP B 100 -14.66 -1.13 -18.90
N GLY B 101 -15.67 -0.24 -18.94
CA GLY B 101 -17.04 -0.56 -18.58
C GLY B 101 -17.42 -0.32 -17.12
N LEU B 102 -16.43 -0.10 -16.24
CA LEU B 102 -16.72 0.27 -14.84
C LEU B 102 -17.03 1.78 -14.74
N PRO B 103 -18.03 2.18 -13.99
CA PRO B 103 -18.24 3.59 -13.80
C PRO B 103 -17.06 4.22 -13.11
N ALA B 104 -16.84 5.47 -13.42
CA ALA B 104 -15.82 6.30 -12.78
C ALA B 104 -16.00 6.22 -11.25
N CYS B 105 -14.89 5.95 -10.56
CA CYS B 105 -14.85 5.83 -9.12
C CYS B 105 -14.15 7.05 -8.47
N GLU B 106 -14.58 7.34 -7.23
CA GLU B 106 -14.08 8.46 -6.48
C GLU B 106 -13.77 8.05 -5.06
N LEU B 107 -12.61 8.50 -4.60
CA LEU B 107 -12.22 8.28 -3.23
C LEU B 107 -12.53 9.56 -2.42
N VAL B 108 -13.41 9.46 -1.42
CA VAL B 108 -13.78 10.57 -0.56
C VAL B 108 -13.06 10.25 0.76
N THR B 109 -12.20 11.13 1.22
CA THR B 109 -11.32 10.80 2.32
C THR B 109 -11.38 11.95 3.36
N SER B 110 -11.31 11.58 4.62
CA SER B 110 -11.35 12.56 5.75
C SER B 110 -10.20 13.58 5.80
N ALA B 111 -9.05 13.29 5.20
CA ALA B 111 -7.87 14.19 5.26
C ALA B 111 -7.00 13.93 4.03
N GLU B 112 -6.28 14.94 3.60
CA GLU B 112 -5.33 14.80 2.50
C GLU B 112 -4.40 13.59 2.72
N PRO B 113 -4.07 12.86 1.64
CA PRO B 113 -3.29 11.62 1.78
C PRO B 113 -1.84 11.81 2.11
N CYS B 114 -1.27 10.85 2.86
CA CYS B 114 0.18 10.78 3.03
C CYS B 114 0.86 10.30 1.73
N VAL B 115 2.19 10.34 1.73
CA VAL B 115 2.91 9.94 0.51
C VAL B 115 2.58 8.51 0.05
N MET B 116 2.38 7.59 1.03
CA MET B 116 2.05 6.20 0.63
C MET B 116 0.69 6.16 -0.06
N CYS B 117 -0.30 6.82 0.56
CA CYS B 117 -1.67 6.81 0.04
C CYS B 117 -1.78 7.61 -1.26
N PHE B 118 -0.95 8.66 -1.38
CA PHE B 118 -0.83 9.40 -2.66
C PHE B 118 -0.50 8.44 -3.78
N GLY B 119 0.53 7.59 -3.58
CA GLY B 119 0.91 6.61 -4.60
C GLY B 119 -0.23 5.62 -4.82
N ALA B 120 -0.85 5.13 -3.75
CA ALA B 120 -1.92 4.14 -3.84
C ALA B 120 -3.11 4.65 -4.65
N VAL B 121 -3.41 5.96 -4.53
CA VAL B 121 -4.52 6.58 -5.21
C VAL B 121 -4.12 6.59 -6.73
N ILE B 122 -2.87 6.93 -7.05
CA ILE B 122 -2.43 6.83 -8.46
C ILE B 122 -2.63 5.42 -9.08
N TRP B 123 -2.32 4.34 -8.36
CA TRP B 123 -2.31 3.01 -9.03
C TRP B 123 -3.68 2.51 -9.03
N SER B 124 -4.57 3.09 -8.24
CA SER B 124 -5.88 2.42 -7.99
C SER B 124 -6.85 2.43 -9.18
N GLY B 125 -6.70 3.41 -10.09
CA GLY B 125 -7.69 3.68 -11.09
C GLY B 125 -8.81 4.62 -10.68
N VAL B 126 -8.85 5.10 -9.41
CA VAL B 126 -9.95 6.08 -9.10
C VAL B 126 -9.71 7.30 -9.95
N ARG B 127 -10.78 8.04 -10.32
CA ARG B 127 -10.60 9.25 -11.17
C ARG B 127 -10.81 10.55 -10.44
N SER B 128 -11.09 10.44 -9.16
CA SER B 128 -11.46 11.61 -8.41
C SER B 128 -11.06 11.43 -6.95
N LEU B 129 -10.40 12.41 -6.35
CA LEU B 129 -10.17 12.37 -4.89
C LEU B 129 -10.76 13.63 -4.22
N VAL B 130 -11.52 13.48 -3.12
CA VAL B 130 -12.17 14.66 -2.44
C VAL B 130 -11.78 14.55 -1.00
N CYS B 131 -11.10 15.56 -0.45
CA CYS B 131 -10.57 15.56 0.90
C CYS B 131 -11.24 16.61 1.80
N ALA B 132 -11.31 16.32 3.10
CA ALA B 132 -11.81 17.24 4.09
C ALA B 132 -10.65 18.02 4.75
N ALA B 133 -10.02 17.44 5.78
CA ALA B 133 -8.97 18.16 6.53
C ALA B 133 -7.73 18.34 5.64
N ARG B 134 -7.00 19.44 5.80
CA ARG B 134 -5.81 19.68 5.01
C ARG B 134 -4.63 19.02 5.65
N SER B 135 -3.49 18.99 4.93
CA SER B 135 -2.25 18.42 5.41
C SER B 135 -1.74 19.04 6.71
N ASP B 136 -1.81 20.39 6.84
CA ASP B 136 -1.37 20.99 8.06
C ASP B 136 -2.33 20.69 9.25
N ASP B 137 -3.61 20.46 8.99
CA ASP B 137 -4.57 20.03 10.08
C ASP B 137 -4.11 18.66 10.68
N VAL B 138 -3.75 17.74 9.80
CA VAL B 138 -3.20 16.39 10.14
C VAL B 138 -1.88 16.49 10.93
N GLU B 139 -0.89 17.24 10.41
CA GLU B 139 0.35 17.58 11.16
C GLU B 139 0.09 18.19 12.51
N ALA B 140 -0.83 19.14 12.61
CA ALA B 140 -1.21 19.78 13.88
C ALA B 140 -1.77 18.84 14.97
N ILE B 141 -2.01 17.56 14.67
CA ILE B 141 -2.37 16.63 15.71
C ILE B 141 -1.35 15.46 15.72
N GLY B 142 -0.21 15.68 15.09
CA GLY B 142 0.92 14.81 15.26
C GLY B 142 0.98 13.67 14.24
N PHE B 143 0.14 13.68 13.22
CA PHE B 143 0.29 12.75 12.08
C PHE B 143 1.22 13.28 11.02
N ASP B 144 2.02 12.39 10.46
CA ASP B 144 3.05 12.81 9.49
C ASP B 144 2.53 12.52 8.01
N GLU B 145 2.58 13.48 7.11
CA GLU B 145 2.22 13.23 5.66
C GLU B 145 3.35 12.57 4.85
N GLY B 146 4.56 12.63 5.41
CA GLY B 146 5.76 12.03 4.80
C GLY B 146 6.28 12.93 3.67
N PRO B 147 7.40 12.57 3.10
CA PRO B 147 7.91 13.43 2.01
C PRO B 147 7.11 13.21 0.71
N ARG B 148 6.02 13.97 0.52
CA ARG B 148 5.30 13.91 -0.74
C ARG B 148 5.98 14.79 -1.75
N PRO B 149 5.84 14.48 -3.07
CA PRO B 149 6.44 15.44 -4.00
C PRO B 149 5.75 16.81 -3.90
N GLU B 150 6.50 17.85 -4.31
CA GLU B 150 5.98 19.19 -4.30
C GLU B 150 4.92 19.23 -5.42
N ASN B 151 3.82 19.88 -5.13
CA ASN B 151 2.69 19.91 -6.04
C ASN B 151 2.09 18.51 -6.27
N TRP B 152 2.00 17.73 -5.18
CA TRP B 152 1.23 16.45 -5.19
C TRP B 152 -0.16 16.57 -5.83
N MET B 153 -0.89 17.68 -5.64
CA MET B 153 -2.20 17.77 -6.23
C MET B 153 -2.11 17.84 -7.76
N GLY B 154 -1.11 18.58 -8.26
CA GLY B 154 -0.99 18.75 -9.70
C GLY B 154 -0.47 17.41 -10.19
N GLY B 155 0.29 16.65 -9.37
CA GLY B 155 0.73 15.26 -9.77
C GLY B 155 -0.47 14.34 -10.00
N LEU B 156 -1.52 14.51 -9.17
CA LEU B 156 -2.74 13.71 -9.33
C LEU B 156 -3.46 14.18 -10.58
N GLU B 157 -3.58 15.50 -10.67
CA GLU B 157 -4.36 16.09 -11.77
C GLU B 157 -3.77 15.72 -13.14
N ALA B 158 -2.43 15.62 -13.20
CA ALA B 158 -1.74 15.33 -14.47
C ALA B 158 -1.96 13.90 -14.89
N ARG B 159 -2.48 13.04 -13.97
CA ARG B 159 -2.69 11.67 -14.25
C ARG B 159 -4.18 11.43 -14.33
N GLY B 160 -5.01 12.45 -14.48
CA GLY B 160 -6.46 12.28 -14.67
C GLY B 160 -7.26 12.01 -13.39
N ILE B 161 -6.68 12.33 -12.24
CA ILE B 161 -7.40 12.25 -11.00
C ILE B 161 -7.72 13.67 -10.52
N THR B 162 -8.98 14.06 -10.61
CA THR B 162 -9.40 15.40 -10.16
CA THR B 162 -9.37 15.40 -10.16
C THR B 162 -9.25 15.45 -8.64
N VAL B 163 -8.86 16.60 -8.10
CA VAL B 163 -8.64 16.75 -6.63
C VAL B 163 -9.48 17.95 -6.10
N THR B 164 -10.28 17.77 -5.04
CA THR B 164 -10.98 18.79 -4.31
C THR B 164 -10.53 18.58 -2.89
N THR B 165 -10.30 19.69 -2.18
CA THR B 165 -9.89 19.67 -0.81
C THR B 165 -10.75 20.61 -0.03
N GLY B 166 -10.71 20.46 1.29
CA GLY B 166 -11.38 21.43 2.17
C GLY B 166 -12.89 21.15 2.40
N LEU B 167 -13.41 20.08 1.81
CA LEU B 167 -14.86 19.77 1.86
C LEU B 167 -15.23 19.30 3.30
N LEU B 168 -16.09 20.09 3.99
CA LEU B 168 -16.45 19.87 5.44
C LEU B 168 -15.17 19.80 6.26
N ARG B 169 -14.18 20.62 5.86
CA ARG B 169 -12.91 20.71 6.59
C ARG B 169 -13.11 20.91 8.11
N ASP B 170 -13.97 21.86 8.45
CA ASP B 170 -14.21 22.22 9.85
C ASP B 170 -14.84 21.13 10.67
N ALA B 171 -15.77 20.39 10.06
CA ALA B 171 -16.40 19.25 10.69
C ALA B 171 -15.29 18.19 10.95
N ALA B 172 -14.41 17.96 9.97
CA ALA B 172 -13.37 16.96 10.09
C ALA B 172 -12.37 17.40 11.14
N CYS B 173 -11.97 18.67 11.13
CA CYS B 173 -11.10 19.20 12.25
C CYS B 173 -11.65 19.06 13.64
N ALA B 174 -12.97 19.21 13.82
CA ALA B 174 -13.61 18.99 15.12
C ALA B 174 -13.29 17.57 15.66
N LEU B 175 -13.33 16.55 14.79
CA LEU B 175 -13.09 15.14 15.16
C LEU B 175 -11.58 14.92 15.38
N LEU B 176 -10.74 15.58 14.56
CA LEU B 176 -9.28 15.54 14.80
C LEU B 176 -8.88 16.13 16.19
N ARG B 177 -9.41 17.31 16.52
CA ARG B 177 -9.02 17.94 17.73
C ARG B 177 -9.52 17.09 18.87
N GLU B 178 -10.70 16.49 18.74
CA GLU B 178 -11.22 15.65 19.76
C GLU B 178 -10.34 14.40 20.00
N TYR B 179 -9.81 13.79 18.94
CA TYR B 179 -8.99 12.59 19.05
C TYR B 179 -7.72 12.99 19.79
N ASN B 180 -7.18 14.14 19.37
CA ASN B 180 -5.93 14.62 19.95
C ASN B 180 -6.13 14.91 21.46
N ALA B 181 -7.28 15.49 21.85
CA ALA B 181 -7.58 15.74 23.29
C ALA B 181 -7.69 14.45 24.15
N CYS B 182 -8.10 13.36 23.56
CA CYS B 182 -8.34 12.13 24.28
C CYS B 182 -7.36 10.98 23.93
ZN ZN C . 5.34 -0.13 -5.02
N9 6AP D . 4.94 -3.49 -8.60
C8 6AP D . 3.94 -3.10 -9.41
N7 6AP D . 4.23 -1.96 -10.04
C5 6AP D . 5.52 -1.64 -9.61
C4 6AP D . 5.96 -2.60 -8.72
N3 6AP D . 7.21 -2.50 -8.17
C2 6AP D . 8.06 -1.50 -8.45
N2 6AP D . 9.38 -1.51 -7.83
N1 6AP D . 7.64 -0.55 -9.31
C6 6AP D . 6.40 -0.59 -9.89
N6 6AP D . 5.88 0.37 -10.79
ZN ZN E . -1.71 7.22 4.14
#